data_8SPK
#
_entry.id   8SPK
#
_cell.length_a   131.180
_cell.length_b   131.180
_cell.length_c   131.180
_cell.angle_alpha   90.00
_cell.angle_beta   90.00
_cell.angle_gamma   90.00
#
_symmetry.space_group_name_H-M   'P 21 3'
#
loop_
_entity.id
_entity.type
_entity.pdbx_description
1 polymer 'Lipase 1'
2 non-polymer 'MALONATE ION'
3 water water
#
_entity_poly.entity_id   1
_entity_poly.type   'polypeptide(L)'
_entity_poly.pdbx_seq_one_letter_code
;MGSSHHHHHHSSGLVPRGSHMDCIADSKITAVALSDTRDNGPFSIRTKRISRQSAKGFGGGTIHYPTNASGCGLLGAIAV
VPGYVSYENSIKWWGPRLASWGFVVITINTNSIYDDPDSRAAQLNAALDNMIADDTVGSMIDPKRLGAIGWSMGGGGALK
LATERSTVRAIMPLAPYHDKSYGEVKTPTLVIACEDDRIAETKKYANAFYKNAIGPKMKVEVNNGSHFCPSYRFNEILLS
KPGIAWMQRYINNDTRFDKFLCANENYSKSPRISAYDYKDCP
;
_entity_poly.pdbx_strand_id   A,B
#
# COMPACT_ATOMS: atom_id res chain seq x y z
N GLY A 18 -10.67 21.95 31.05
CA GLY A 18 -9.33 21.88 31.61
C GLY A 18 -8.83 20.44 31.71
N SER A 19 -9.55 19.62 32.49
CA SER A 19 -9.07 18.31 32.88
C SER A 19 -7.66 18.51 33.37
N HIS A 20 -6.70 17.95 32.64
CA HIS A 20 -5.29 18.11 32.96
C HIS A 20 -4.61 19.21 32.14
N MET A 21 -5.35 19.95 31.32
CA MET A 21 -4.77 20.96 30.41
C MET A 21 -5.45 22.33 30.53
N ASP A 22 -5.71 22.81 31.77
CA ASP A 22 -6.27 24.16 31.93
C ASP A 22 -5.31 25.27 31.48
N CYS A 23 -4.03 24.91 31.30
CA CYS A 23 -3.00 25.69 30.63
C CYS A 23 -3.33 26.03 29.18
N ILE A 24 -4.27 25.32 28.55
CA ILE A 24 -4.83 25.77 27.28
C ILE A 24 -6.07 26.61 27.54
N ALA A 25 -6.04 27.86 27.10
CA ALA A 25 -7.17 28.74 27.35
C ALA A 25 -8.37 28.34 26.51
N ASP A 26 -9.57 28.50 27.08
CA ASP A 26 -10.79 28.17 26.33
C ASP A 26 -10.78 28.79 24.93
N SER A 27 -10.38 30.06 24.82
CA SER A 27 -10.53 30.75 23.53
C SER A 27 -9.66 30.16 22.44
N LYS A 28 -8.65 29.33 22.79
CA LYS A 28 -7.82 28.64 21.80
C LYS A 28 -8.44 27.35 21.31
N ILE A 29 -9.50 26.89 21.94
CA ILE A 29 -10.06 25.56 21.65
C ILE A 29 -11.17 25.79 20.61
N THR A 30 -10.75 25.87 19.33
CA THR A 30 -11.68 26.13 18.25
C THR A 30 -11.43 25.16 17.11
N ALA A 31 -12.46 24.97 16.29
CA ALA A 31 -12.29 24.11 15.11
C ALA A 31 -11.27 24.68 14.16
N VAL A 32 -11.28 26.00 13.98
CA VAL A 32 -10.30 26.68 13.12
C VAL A 32 -8.88 26.40 13.60
N ALA A 33 -8.65 26.45 14.91
CA ALA A 33 -7.31 26.24 15.42
C ALA A 33 -6.89 24.80 15.26
N LEU A 34 -7.81 23.87 15.48
CA LEU A 34 -7.47 22.44 15.41
C LEU A 34 -7.24 22.00 13.97
N SER A 35 -7.86 22.70 13.03
CA SER A 35 -7.88 22.32 11.61
C SER A 35 -6.75 23.06 10.89
N ASP A 36 -5.54 22.59 11.16
CA ASP A 36 -4.36 23.30 10.68
C ASP A 36 -3.27 22.26 10.45
N THR A 37 -2.09 22.73 10.07
CA THR A 37 -1.04 21.80 9.65
C THR A 37 0.20 21.92 10.54
N ARG A 38 1.04 20.88 10.48
CA ARG A 38 2.43 20.90 11.02
C ARG A 38 2.35 21.24 12.51
N ASP A 39 3.17 22.16 13.02
CA ASP A 39 3.17 22.53 14.42
C ASP A 39 2.39 23.83 14.67
N ASN A 40 1.43 24.17 13.81
CA ASN A 40 0.55 25.29 14.13
C ASN A 40 -0.40 24.85 15.23
N GLY A 41 -0.15 25.30 16.48
CA GLY A 41 -0.94 24.94 17.65
C GLY A 41 -0.50 25.80 18.83
N PRO A 42 -1.10 25.65 20.02
CA PRO A 42 -0.85 26.62 21.11
C PRO A 42 0.54 26.54 21.74
N PHE A 43 1.23 25.41 21.71
CA PHE A 43 2.54 25.30 22.33
C PHE A 43 3.62 25.24 21.28
N SER A 44 4.76 25.86 21.59
CA SER A 44 5.96 25.65 20.80
CA SER A 44 5.97 25.66 20.81
C SER A 44 6.54 24.30 21.15
N ILE A 45 7.26 23.71 20.18
CA ILE A 45 7.77 22.36 20.38
C ILE A 45 9.24 22.24 20.02
N ARG A 46 9.83 21.16 20.53
CA ARG A 46 11.16 20.72 20.15
C ARG A 46 11.12 19.20 19.90
N THR A 47 12.20 18.69 19.33
CA THR A 47 12.31 17.26 19.04
C THR A 47 13.61 16.71 19.60
N LYS A 48 13.59 15.41 19.87
CA LYS A 48 14.80 14.71 20.30
C LYS A 48 14.83 13.39 19.55
N ARG A 49 15.94 13.09 18.88
CA ARG A 49 16.04 11.85 18.13
C ARG A 49 16.52 10.70 18.99
N ILE A 50 15.82 9.58 18.93
CA ILE A 50 16.16 8.34 19.62
C ILE A 50 16.68 7.37 18.58
N SER A 51 17.96 6.98 18.69
CA SER A 51 18.56 6.13 17.66
C SER A 51 18.04 4.72 17.75
N ARG A 52 18.15 4.00 16.63
CA ARG A 52 17.75 2.60 16.59
C ARG A 52 18.50 1.78 17.63
N GLN A 53 19.80 2.04 17.79
CA GLN A 53 20.61 1.26 18.77
C GLN A 53 20.27 1.60 20.21
N SER A 54 19.83 2.84 20.47
CA SER A 54 19.46 3.22 21.84
C SER A 54 18.12 2.59 22.22
N ALA A 55 17.22 2.44 21.24
CA ALA A 55 15.85 2.01 21.50
C ALA A 55 15.77 0.52 21.81
N LYS A 56 15.18 0.18 22.96
CA LYS A 56 15.10 -1.22 23.39
C LYS A 56 13.71 -1.70 23.03
N GLY A 57 13.58 -2.42 21.92
CA GLY A 57 12.27 -2.92 21.54
C GLY A 57 11.60 -2.21 20.39
N PHE A 58 12.28 -1.27 19.73
CA PHE A 58 11.75 -0.66 18.51
C PHE A 58 12.93 -0.05 17.77
N GLY A 59 12.65 0.52 16.58
CA GLY A 59 13.74 0.93 15.69
C GLY A 59 14.16 2.39 15.83
N GLY A 60 13.93 3.00 17.00
CA GLY A 60 14.26 4.42 17.17
C GLY A 60 13.07 5.28 16.76
N GLY A 61 13.21 6.60 16.92
CA GLY A 61 12.10 7.46 16.56
C GLY A 61 12.42 8.89 16.96
N THR A 62 11.41 9.74 16.86
CA THR A 62 11.56 11.16 17.19
C THR A 62 10.58 11.46 18.31
N ILE A 63 11.10 11.95 19.44
CA ILE A 63 10.25 12.46 20.51
C ILE A 63 9.96 13.92 20.20
N HIS A 64 8.67 14.28 20.23
CA HIS A 64 8.23 15.66 20.08
C HIS A 64 7.63 16.14 21.39
N TYR A 65 8.02 17.32 21.83
CA TYR A 65 7.46 17.75 23.12
C TYR A 65 7.26 19.25 23.15
N PRO A 66 6.33 19.74 23.97
CA PRO A 66 6.13 21.19 24.05
C PRO A 66 7.13 21.80 25.01
N THR A 67 7.54 23.04 24.71
CA THR A 67 8.58 23.71 25.49
C THR A 67 8.03 24.77 26.42
N ASN A 68 6.76 25.12 26.29
CA ASN A 68 6.21 26.17 27.13
C ASN A 68 4.91 25.71 27.75
N ALA A 69 4.87 24.44 28.16
CA ALA A 69 3.68 23.81 28.70
C ALA A 69 3.79 23.53 30.20
N SER A 70 4.78 24.12 30.87
CA SER A 70 5.00 23.82 32.27
C SER A 70 3.77 24.16 33.12
N GLY A 71 2.96 25.15 32.72
CA GLY A 71 1.74 25.42 33.45
C GLY A 71 0.72 24.30 33.41
N CYS A 72 0.94 23.26 32.62
CA CYS A 72 -0.01 22.18 32.50
C CYS A 72 0.16 21.09 33.55
N GLY A 73 1.23 21.18 34.33
CA GLY A 73 1.59 20.04 35.17
C GLY A 73 2.05 18.89 34.29
N LEU A 74 1.80 17.66 34.74
CA LEU A 74 2.31 16.53 33.96
C LEU A 74 1.47 16.34 32.70
N LEU A 75 2.14 15.86 31.65
CA LEU A 75 1.52 15.74 30.33
C LEU A 75 1.22 14.29 29.98
N GLY A 76 0.23 14.11 29.09
CA GLY A 76 0.02 12.80 28.48
C GLY A 76 1.08 12.50 27.43
N ALA A 77 1.22 11.23 27.09
CA ALA A 77 2.23 10.83 26.12
C ALA A 77 1.66 9.82 25.15
N ILE A 78 2.07 9.92 23.87
CA ILE A 78 1.45 9.16 22.80
C ILE A 78 2.55 8.56 21.94
N ALA A 79 2.44 7.25 21.62
CA ALA A 79 3.36 6.61 20.67
C ALA A 79 2.66 6.35 19.35
N VAL A 80 3.39 6.52 18.24
CA VAL A 80 2.76 6.50 16.91
C VAL A 80 3.59 5.57 16.03
N VAL A 81 2.95 4.57 15.40
CA VAL A 81 3.71 3.52 14.68
C VAL A 81 3.24 3.39 13.22
N PRO A 82 4.16 3.14 12.28
CA PRO A 82 3.79 2.97 10.86
C PRO A 82 3.24 1.61 10.53
N GLY A 83 3.01 1.42 9.20
CA GLY A 83 2.49 0.20 8.65
C GLY A 83 3.52 -0.61 7.88
N TYR A 84 2.99 -1.59 7.18
CA TYR A 84 3.83 -2.58 6.50
C TYR A 84 4.57 -1.94 5.31
N VAL A 85 5.88 -2.22 5.23
CA VAL A 85 6.75 -1.68 4.22
C VAL A 85 6.69 -0.16 4.23
N SER A 86 6.50 0.44 5.42
CA SER A 86 6.60 1.90 5.51
C SER A 86 7.43 2.31 6.72
N TYR A 87 8.05 3.50 6.63
CA TYR A 87 8.85 3.99 7.75
C TYR A 87 8.14 5.11 8.53
N GLU A 88 8.87 5.71 9.50
CA GLU A 88 8.35 6.80 10.33
C GLU A 88 7.65 7.87 9.49
N ASN A 89 8.17 8.21 8.29
CA ASN A 89 7.54 9.32 7.54
C ASN A 89 6.07 9.06 7.20
N SER A 90 5.60 7.79 7.25
CA SER A 90 4.18 7.58 7.00
C SER A 90 3.29 8.19 8.11
N ILE A 91 3.81 8.34 9.35
CA ILE A 91 2.96 8.76 10.44
C ILE A 91 3.61 9.93 11.20
N LYS A 92 4.74 10.44 10.71
CA LYS A 92 5.51 11.40 11.49
C LYS A 92 4.72 12.67 11.79
N TRP A 93 3.81 13.07 10.88
CA TRP A 93 3.18 14.37 11.01
C TRP A 93 2.29 14.46 12.25
N TRP A 94 1.91 13.33 12.84
CA TRP A 94 1.16 13.39 14.08
C TRP A 94 1.99 13.96 15.22
N GLY A 95 3.31 13.83 15.14
CA GLY A 95 4.16 14.27 16.23
C GLY A 95 4.07 15.76 16.48
N PRO A 96 4.36 16.60 15.46
CA PRO A 96 4.22 18.05 15.67
C PRO A 96 2.80 18.47 15.97
N ARG A 97 1.83 17.85 15.32
CA ARG A 97 0.40 18.19 15.50
C ARG A 97 0.04 18.01 16.98
N LEU A 98 0.28 16.82 17.52
CA LEU A 98 -0.16 16.61 18.91
C LEU A 98 0.75 17.25 19.95
N ALA A 99 2.07 17.33 19.69
CA ALA A 99 2.94 18.02 20.63
C ALA A 99 2.57 19.48 20.74
N SER A 100 2.20 20.12 19.63
CA SER A 100 1.81 21.53 19.73
C SER A 100 0.50 21.72 20.50
N TRP A 101 -0.23 20.64 20.75
CA TRP A 101 -1.43 20.66 21.57
C TRP A 101 -1.19 20.06 22.97
N GLY A 102 0.08 19.89 23.36
CA GLY A 102 0.38 19.63 24.75
C GLY A 102 0.73 18.19 25.09
N PHE A 103 0.95 17.31 24.12
CA PHE A 103 1.33 15.93 24.40
C PHE A 103 2.83 15.78 24.17
N VAL A 104 3.43 14.82 24.88
CA VAL A 104 4.71 14.30 24.44
C VAL A 104 4.41 13.17 23.44
N VAL A 105 5.07 13.16 22.29
CA VAL A 105 4.69 12.23 21.23
C VAL A 105 5.92 11.61 20.61
N ILE A 106 5.99 10.28 20.56
CA ILE A 106 7.13 9.65 19.89
C ILE A 106 6.63 8.97 18.61
N THR A 107 7.19 9.39 17.47
CA THR A 107 6.87 8.76 16.17
C THR A 107 8.01 7.80 15.89
N ILE A 108 7.69 6.51 15.66
CA ILE A 108 8.74 5.51 15.66
C ILE A 108 8.94 4.86 14.30
N ASN A 109 10.15 4.27 14.16
CA ASN A 109 10.40 3.19 13.21
C ASN A 109 10.35 1.88 13.95
N THR A 110 9.90 0.83 13.25
CA THR A 110 9.94 -0.51 13.80
C THR A 110 11.31 -1.17 13.51
N ASN A 111 11.57 -2.27 14.21
CA ASN A 111 12.80 -3.00 13.93
C ASN A 111 12.90 -3.35 12.45
N SER A 112 11.79 -3.85 11.88
CA SER A 112 11.72 -4.12 10.45
C SER A 112 10.41 -3.58 9.90
N ILE A 113 10.46 -3.01 8.69
CA ILE A 113 9.21 -2.56 8.07
C ILE A 113 8.30 -3.74 7.76
N TYR A 114 8.81 -4.98 7.88
CA TYR A 114 7.95 -6.15 7.65
C TYR A 114 7.35 -6.72 8.93
N ASP A 115 7.57 -6.08 10.08
CA ASP A 115 7.00 -6.59 11.33
C ASP A 115 5.48 -6.60 11.27
N ASP A 116 4.86 -7.58 11.96
CA ASP A 116 3.39 -7.74 11.81
C ASP A 116 2.62 -6.94 12.88
N PRO A 117 1.30 -7.00 12.90
CA PRO A 117 0.54 -6.16 13.85
C PRO A 117 0.85 -6.44 15.31
N ASP A 118 0.97 -7.69 15.70
CA ASP A 118 1.22 -7.97 17.12
C ASP A 118 2.62 -7.53 17.49
N SER A 119 3.57 -7.62 16.55
CA SER A 119 4.92 -7.10 16.84
C SER A 119 4.88 -5.60 17.00
N ARG A 120 4.05 -4.93 16.20
CA ARG A 120 3.97 -3.47 16.35
C ARG A 120 3.35 -3.09 17.68
N ALA A 121 2.41 -3.89 18.23
CA ALA A 121 1.91 -3.60 19.58
C ALA A 121 3.02 -3.62 20.62
N ALA A 122 3.91 -4.61 20.50
CA ALA A 122 5.04 -4.71 21.43
C ALA A 122 5.98 -3.52 21.28
N GLN A 123 6.14 -3.03 20.05
CA GLN A 123 7.07 -1.93 19.83
C GLN A 123 6.46 -0.59 20.28
N LEU A 124 5.15 -0.39 20.09
CA LEU A 124 4.45 0.73 20.73
C LEU A 124 4.66 0.70 22.25
N ASN A 125 4.55 -0.48 22.84
CA ASN A 125 4.72 -0.59 24.30
C ASN A 125 6.10 -0.13 24.71
N ALA A 126 7.13 -0.59 23.99
CA ALA A 126 8.52 -0.24 24.29
C ALA A 126 8.75 1.25 24.08
N ALA A 127 8.11 1.83 23.03
CA ALA A 127 8.26 3.27 22.78
C ALA A 127 7.64 4.12 23.88
N LEU A 128 6.46 3.72 24.42
CA LEU A 128 5.88 4.39 25.60
C LEU A 128 6.85 4.35 26.76
N ASP A 129 7.43 3.16 27.03
CA ASP A 129 8.35 3.04 28.14
C ASP A 129 9.59 3.91 27.90
N ASN A 130 10.03 4.04 26.65
CA ASN A 130 11.19 4.88 26.35
C ASN A 130 10.91 6.32 26.76
N MET A 131 9.74 6.85 26.39
CA MET A 131 9.45 8.23 26.78
C MET A 131 9.39 8.39 28.27
N ILE A 132 8.75 7.44 28.97
CA ILE A 132 8.55 7.57 30.43
C ILE A 132 9.88 7.62 31.17
N ALA A 133 10.91 6.93 30.63
CA ALA A 133 12.23 6.84 31.22
C ALA A 133 13.21 7.88 30.69
N ASP A 134 12.81 8.68 29.69
CA ASP A 134 13.75 9.52 28.95
C ASP A 134 14.26 10.67 29.82
N ASP A 135 15.56 10.99 29.68
CA ASP A 135 16.23 12.02 30.49
C ASP A 135 15.72 13.42 30.23
N THR A 136 15.10 13.65 29.09
CA THR A 136 14.58 14.96 28.71
C THR A 136 13.10 15.08 29.04
N VAL A 137 12.26 14.12 28.62
CA VAL A 137 10.82 14.29 28.72
C VAL A 137 10.19 13.45 29.83
N GLY A 138 10.93 12.48 30.39
CA GLY A 138 10.29 11.57 31.33
C GLY A 138 9.72 12.29 32.53
N SER A 139 10.43 13.30 33.03
CA SER A 139 9.89 14.01 34.19
C SER A 139 8.66 14.85 33.86
N MET A 140 8.38 15.09 32.58
CA MET A 140 7.20 15.89 32.19
C MET A 140 5.95 15.04 32.04
N ILE A 141 6.07 13.71 32.13
CA ILE A 141 5.02 12.78 31.68
C ILE A 141 4.34 12.17 32.88
N ASP A 142 3.01 12.11 32.82
CA ASP A 142 2.24 11.25 33.71
C ASP A 142 2.16 9.85 33.13
N PRO A 143 2.86 8.87 33.71
CA PRO A 143 2.87 7.54 33.10
C PRO A 143 1.50 6.84 33.10
N LYS A 144 0.52 7.40 33.78
CA LYS A 144 -0.80 6.81 33.73
C LYS A 144 -1.65 7.35 32.60
N ARG A 145 -1.14 8.32 31.85
CA ARG A 145 -2.00 8.93 30.80
C ARG A 145 -1.32 8.77 29.46
N LEU A 146 -1.57 7.63 28.80
CA LEU A 146 -0.86 7.31 27.58
C LEU A 146 -1.84 7.11 26.43
N GLY A 147 -1.31 7.19 25.22
CA GLY A 147 -2.13 6.94 24.03
C GLY A 147 -1.31 6.26 22.95
N ALA A 148 -2.00 5.68 21.95
CA ALA A 148 -1.29 5.07 20.84
C ALA A 148 -2.03 5.31 19.53
N ILE A 149 -1.28 5.55 18.47
CA ILE A 149 -1.81 5.76 17.12
C ILE A 149 -1.02 4.85 16.21
N GLY A 150 -1.68 4.25 15.21
CA GLY A 150 -0.88 3.54 14.21
C GLY A 150 -1.64 3.41 12.93
N TRP A 151 -0.89 3.33 11.82
CA TRP A 151 -1.49 3.16 10.50
C TRP A 151 -1.32 1.71 10.03
N SER A 152 -2.38 1.17 9.43
CA SER A 152 -2.31 -0.13 8.71
C SER A 152 -1.97 -1.22 9.71
N MET A 153 -0.91 -2.00 9.52
CA MET A 153 -0.61 -3.01 10.56
C MET A 153 -0.33 -2.34 11.91
N GLY A 154 0.15 -1.09 11.87
CA GLY A 154 0.32 -0.34 13.11
C GLY A 154 -0.97 0.01 13.81
N GLY A 155 -2.07 0.23 13.05
CA GLY A 155 -3.38 0.38 13.68
C GLY A 155 -3.81 -0.91 14.34
N GLY A 156 -3.55 -2.05 13.70
CA GLY A 156 -3.75 -3.33 14.40
C GLY A 156 -2.93 -3.41 15.69
N GLY A 157 -1.67 -2.95 15.64
CA GLY A 157 -0.84 -2.92 16.84
C GLY A 157 -1.46 -2.09 17.95
N ALA A 158 -2.04 -0.92 17.60
CA ALA A 158 -2.68 -0.11 18.65
C ALA A 158 -3.87 -0.81 19.29
N LEU A 159 -4.72 -1.48 18.49
CA LEU A 159 -5.83 -2.26 19.07
C LEU A 159 -5.32 -3.35 20.02
N LYS A 160 -4.29 -4.11 19.56
CA LYS A 160 -3.73 -5.16 20.42
C LYS A 160 -3.17 -4.57 21.71
N LEU A 161 -2.41 -3.48 21.61
CA LEU A 161 -1.81 -2.88 22.80
C LEU A 161 -2.90 -2.48 23.80
N ALA A 162 -3.99 -1.95 23.28
CA ALA A 162 -5.09 -1.53 24.17
C ALA A 162 -5.62 -2.70 25.01
N THR A 163 -5.55 -3.95 24.48
CA THR A 163 -6.04 -5.06 25.29
C THR A 163 -5.06 -5.48 26.37
N GLU A 164 -3.82 -4.97 26.33
CA GLU A 164 -2.73 -5.42 27.18
C GLU A 164 -2.24 -4.38 28.18
N ARG A 165 -2.46 -3.09 27.93
CA ARG A 165 -1.86 -2.06 28.78
C ARG A 165 -2.93 -1.10 29.30
N SER A 166 -3.24 -1.18 30.59
CA SER A 166 -4.39 -0.41 31.06
C SER A 166 -4.10 1.09 31.16
N THR A 167 -2.83 1.51 31.17
CA THR A 167 -2.51 2.95 31.19
C THR A 167 -2.61 3.59 29.81
N VAL A 168 -2.88 2.80 28.78
CA VAL A 168 -3.21 3.40 27.48
C VAL A 168 -4.66 3.83 27.58
N ARG A 169 -4.90 5.13 27.61
CA ARG A 169 -6.24 5.68 27.83
C ARG A 169 -7.03 5.92 26.54
N ALA A 170 -6.37 5.92 25.38
CA ALA A 170 -7.08 6.20 24.12
C ALA A 170 -6.25 5.65 22.98
N ILE A 171 -6.92 5.13 21.94
CA ILE A 171 -6.15 4.71 20.77
C ILE A 171 -6.84 5.27 19.52
N MET A 172 -6.02 5.40 18.45
CA MET A 172 -6.55 5.86 17.17
C MET A 172 -5.98 4.97 16.08
N PRO A 173 -6.64 3.84 15.79
CA PRO A 173 -6.21 2.98 14.66
C PRO A 173 -6.62 3.58 13.34
N LEU A 174 -5.64 3.74 12.44
CA LEU A 174 -5.82 4.38 11.16
C LEU A 174 -5.72 3.31 10.07
N ALA A 175 -6.80 3.17 9.25
CA ALA A 175 -6.88 2.09 8.21
C ALA A 175 -6.37 0.79 8.83
N PRO A 176 -6.93 0.37 9.95
CA PRO A 176 -6.31 -0.71 10.72
C PRO A 176 -6.38 -2.06 10.00
N TYR A 177 -5.27 -2.79 10.14
CA TYR A 177 -5.15 -4.13 9.62
C TYR A 177 -4.68 -5.02 10.77
N HIS A 178 -5.41 -6.12 11.04
CA HIS A 178 -4.92 -7.13 12.00
C HIS A 178 -5.58 -8.41 11.58
N ASP A 179 -4.78 -9.37 11.17
CA ASP A 179 -5.37 -10.58 10.61
C ASP A 179 -5.34 -11.76 11.59
N LYS A 180 -5.34 -11.47 12.91
CA LYS A 180 -5.44 -12.51 13.94
C LYS A 180 -6.32 -12.03 15.08
N SER A 181 -6.82 -12.98 15.89
CA SER A 181 -7.60 -12.59 17.08
C SER A 181 -6.74 -11.73 17.97
N TYR A 182 -7.30 -10.62 18.47
CA TYR A 182 -6.54 -9.84 19.46
C TYR A 182 -7.29 -9.65 20.77
N GLY A 183 -8.57 -9.85 20.79
CA GLY A 183 -9.34 -9.85 22.03
C GLY A 183 -10.23 -8.62 22.13
N GLU A 184 -10.78 -8.43 23.34
CA GLU A 184 -11.81 -7.42 23.58
C GLU A 184 -11.24 -6.07 23.98
N VAL A 185 -11.62 -5.02 23.26
CA VAL A 185 -11.11 -3.67 23.50
C VAL A 185 -12.21 -2.87 24.23
N LYS A 186 -11.89 -2.35 25.42
CA LYS A 186 -12.78 -1.39 26.08
C LYS A 186 -12.20 0.03 26.09
N THR A 187 -10.96 0.19 25.65
CA THR A 187 -10.29 1.50 25.62
C THR A 187 -11.07 2.43 24.67
N PRO A 188 -11.21 3.71 25.00
CA PRO A 188 -11.77 4.66 24.00
C PRO A 188 -11.01 4.61 22.68
N THR A 189 -11.73 4.30 21.60
CA THR A 189 -11.12 4.01 20.30
C THR A 189 -11.72 4.89 19.23
N LEU A 190 -10.89 5.65 18.51
CA LEU A 190 -11.31 6.42 17.35
C LEU A 190 -10.71 5.72 16.12
N VAL A 191 -11.56 5.05 15.35
CA VAL A 191 -11.11 4.32 14.15
C VAL A 191 -11.22 5.29 12.99
N ILE A 192 -10.15 5.42 12.24
CA ILE A 192 -10.25 6.13 10.94
C ILE A 192 -10.19 5.05 9.88
N ALA A 193 -11.25 4.95 9.08
CA ALA A 193 -11.30 3.90 8.05
C ALA A 193 -11.23 4.57 6.69
N CYS A 194 -10.96 3.79 5.64
CA CYS A 194 -10.82 4.35 4.30
C CYS A 194 -11.83 3.64 3.42
N GLU A 195 -12.74 4.39 2.79
CA GLU A 195 -13.89 3.71 2.20
C GLU A 195 -13.48 2.65 1.21
N ASP A 196 -12.52 2.96 0.34
CA ASP A 196 -12.17 2.07 -0.75
C ASP A 196 -10.88 1.29 -0.46
N ASP A 197 -10.64 1.00 0.79
CA ASP A 197 -9.45 0.28 1.20
C ASP A 197 -9.47 -1.09 0.57
N ARG A 198 -8.45 -1.41 -0.23
CA ARG A 198 -8.42 -2.74 -0.82
C ARG A 198 -7.42 -3.67 -0.12
N ILE A 199 -6.71 -3.15 0.88
CA ILE A 199 -5.75 -3.95 1.67
C ILE A 199 -6.38 -4.42 2.95
N ALA A 200 -6.94 -3.47 3.70
CA ALA A 200 -7.63 -3.73 4.95
C ALA A 200 -9.10 -3.41 4.71
N GLU A 201 -9.75 -4.25 3.89
CA GLU A 201 -11.14 -3.98 3.49
C GLU A 201 -11.99 -3.70 4.73
N THR A 202 -12.84 -2.68 4.65
CA THR A 202 -13.51 -2.23 5.86
C THR A 202 -14.47 -3.28 6.39
N LYS A 203 -15.08 -4.09 5.53
CA LYS A 203 -16.06 -5.04 6.04
C LYS A 203 -15.36 -6.08 6.92
N LYS A 204 -14.14 -6.45 6.56
CA LYS A 204 -13.41 -7.48 7.30
C LYS A 204 -12.65 -6.88 8.50
N TYR A 205 -12.13 -5.64 8.39
CA TYR A 205 -11.19 -5.13 9.37
C TYR A 205 -11.85 -3.97 10.12
N ALA A 206 -11.70 -2.72 9.67
CA ALA A 206 -12.16 -1.55 10.46
C ALA A 206 -13.59 -1.68 10.98
N ASN A 207 -14.53 -2.19 10.16
CA ASN A 207 -15.91 -2.16 10.63
C ASN A 207 -16.10 -3.18 11.76
N ALA A 208 -15.43 -4.34 11.64
CA ALA A 208 -15.53 -5.37 12.66
C ALA A 208 -14.85 -4.91 13.95
N PHE A 209 -13.69 -4.25 13.81
CA PHE A 209 -12.97 -3.77 15.00
C PHE A 209 -13.83 -2.74 15.74
N TYR A 210 -14.47 -1.84 14.99
CA TYR A 210 -15.37 -0.85 15.59
C TYR A 210 -16.57 -1.54 16.24
N LYS A 211 -17.23 -2.43 15.51
CA LYS A 211 -18.42 -3.09 16.05
C LYS A 211 -18.10 -3.81 17.34
N ASN A 212 -16.93 -4.48 17.40
CA ASN A 212 -16.64 -5.33 18.55
C ASN A 212 -16.03 -4.59 19.75
N ALA A 213 -15.63 -3.34 19.61
CA ALA A 213 -15.13 -2.57 20.74
C ALA A 213 -16.29 -2.31 21.69
N ILE A 214 -16.04 -2.30 23.01
CA ILE A 214 -17.14 -2.21 23.97
C ILE A 214 -17.06 -0.96 24.84
N GLY A 215 -16.08 -0.08 24.61
CA GLY A 215 -15.97 1.19 25.34
C GLY A 215 -16.42 2.34 24.46
N PRO A 216 -16.13 3.56 24.90
CA PRO A 216 -16.36 4.73 24.02
C PRO A 216 -15.72 4.50 22.67
N LYS A 217 -16.45 4.87 21.59
CA LYS A 217 -15.86 4.55 20.28
C LYS A 217 -16.48 5.46 19.23
N MET A 218 -15.67 5.77 18.20
CA MET A 218 -16.11 6.65 17.14
C MET A 218 -15.41 6.19 15.88
N LYS A 219 -16.11 6.20 14.73
CA LYS A 219 -15.48 5.77 13.48
C LYS A 219 -15.79 6.78 12.39
N VAL A 220 -14.73 7.31 11.77
CA VAL A 220 -14.84 8.22 10.64
C VAL A 220 -14.31 7.48 9.43
N GLU A 221 -15.15 7.31 8.40
CA GLU A 221 -14.66 6.67 7.19
C GLU A 221 -14.44 7.76 6.14
N VAL A 222 -13.23 7.80 5.55
CA VAL A 222 -12.88 8.82 4.59
C VAL A 222 -13.43 8.43 3.22
N ASN A 223 -14.28 9.28 2.65
CA ASN A 223 -14.94 9.03 1.38
C ASN A 223 -13.93 8.72 0.27
N ASN A 224 -14.10 7.59 -0.40
CA ASN A 224 -13.29 7.17 -1.53
C ASN A 224 -11.81 6.98 -1.14
N GLY A 225 -11.50 6.82 0.14
CA GLY A 225 -10.10 6.71 0.54
C GLY A 225 -9.49 5.38 0.15
N SER A 226 -8.23 5.42 -0.30
CA SER A 226 -7.48 4.17 -0.43
C SER A 226 -6.87 3.80 0.93
N HIS A 227 -6.15 2.65 0.97
CA HIS A 227 -5.44 2.29 2.21
C HIS A 227 -4.50 3.38 2.68
N PHE A 228 -4.00 4.25 1.77
CA PHE A 228 -3.13 5.35 2.18
C PHE A 228 -3.86 6.55 2.77
N CYS A 229 -5.19 6.51 2.90
CA CYS A 229 -5.94 7.75 3.14
C CYS A 229 -5.56 8.46 4.45
N PRO A 230 -5.03 7.78 5.51
CA PRO A 230 -4.70 8.51 6.75
C PRO A 230 -3.18 8.47 6.95
N SER A 231 -2.40 8.31 5.88
CA SER A 231 -0.94 8.22 5.95
C SER A 231 -0.28 9.34 5.16
N TYR A 232 1.02 9.59 5.43
CA TYR A 232 1.87 10.50 4.66
C TYR A 232 1.27 11.90 4.54
N ARG A 233 0.53 12.35 5.55
CA ARG A 233 -0.12 13.67 5.60
C ARG A 233 -1.34 13.81 4.68
N PHE A 234 -1.75 12.75 3.97
CA PHE A 234 -3.06 12.79 3.34
C PHE A 234 -4.11 13.09 4.40
N ASN A 235 -5.04 13.97 4.05
CA ASN A 235 -6.19 14.26 4.92
C ASN A 235 -5.77 14.81 6.28
N GLU A 236 -4.62 15.49 6.33
CA GLU A 236 -4.09 16.03 7.59
C GLU A 236 -5.06 16.97 8.27
N ILE A 237 -5.61 17.92 7.52
CA ILE A 237 -6.52 18.88 8.12
C ILE A 237 -7.80 18.18 8.57
N LEU A 238 -8.33 17.29 7.72
CA LEU A 238 -9.54 16.53 8.06
C LEU A 238 -9.39 15.74 9.35
N LEU A 239 -8.26 15.03 9.53
CA LEU A 239 -8.15 14.14 10.68
C LEU A 239 -7.64 14.84 11.93
N SER A 240 -7.02 16.02 11.81
CA SER A 240 -6.43 16.67 12.98
C SER A 240 -7.48 17.01 14.03
N LYS A 241 -8.63 17.55 13.62
CA LYS A 241 -9.64 17.95 14.61
C LYS A 241 -10.18 16.77 15.41
N PRO A 242 -10.70 15.68 14.79
CA PRO A 242 -11.17 14.57 15.64
C PRO A 242 -10.05 13.89 16.39
N GLY A 243 -8.88 13.78 15.80
CA GLY A 243 -7.78 13.11 16.48
C GLY A 243 -7.32 13.86 17.72
N ILE A 244 -7.05 15.16 17.58
CA ILE A 244 -6.61 15.91 18.76
C ILE A 244 -7.71 15.91 19.82
N ALA A 245 -8.98 16.11 19.39
CA ALA A 245 -10.07 16.16 20.36
C ALA A 245 -10.21 14.85 21.11
N TRP A 246 -10.14 13.71 20.41
CA TRP A 246 -10.27 12.41 21.07
C TRP A 246 -9.18 12.23 22.12
N MET A 247 -7.94 12.54 21.76
CA MET A 247 -6.84 12.30 22.68
C MET A 247 -6.95 13.24 23.87
N GLN A 248 -7.37 14.50 23.64
CA GLN A 248 -7.54 15.41 24.77
C GLN A 248 -8.68 14.95 25.67
N ARG A 249 -9.78 14.50 25.07
CA ARG A 249 -10.92 14.07 25.89
C ARG A 249 -10.54 12.87 26.75
N TYR A 250 -9.88 11.87 26.15
CA TYR A 250 -9.73 10.60 26.86
C TYR A 250 -8.38 10.42 27.53
N ILE A 251 -7.30 11.02 27.03
CA ILE A 251 -6.05 10.96 27.80
C ILE A 251 -6.06 11.99 28.91
N ASN A 252 -6.57 13.20 28.63
CA ASN A 252 -6.50 14.32 29.58
C ASN A 252 -7.82 14.67 30.24
N ASN A 253 -8.88 13.93 29.93
CA ASN A 253 -10.19 14.13 30.54
C ASN A 253 -10.67 15.56 30.32
N ASP A 254 -10.32 16.16 29.17
CA ASP A 254 -10.68 17.56 28.92
C ASP A 254 -11.97 17.60 28.11
N THR A 255 -13.09 17.81 28.83
CA THR A 255 -14.37 17.78 28.14
C THR A 255 -14.63 19.06 27.36
N ARG A 256 -13.71 20.03 27.38
CA ARG A 256 -13.89 21.17 26.47
C ARG A 256 -13.77 20.74 25.01
N PHE A 257 -13.22 19.55 24.73
CA PHE A 257 -13.13 19.04 23.37
C PHE A 257 -14.35 18.19 23.00
N ASP A 258 -15.30 17.99 23.94
CA ASP A 258 -16.51 17.22 23.65
C ASP A 258 -17.24 17.73 22.43
N LYS A 259 -17.20 19.05 22.16
CA LYS A 259 -18.02 19.61 21.08
C LYS A 259 -17.57 19.15 19.70
N PHE A 260 -16.38 18.55 19.60
CA PHE A 260 -15.90 18.09 18.32
C PHE A 260 -16.09 16.60 18.12
N LEU A 261 -16.83 15.93 19.01
CA LEU A 261 -16.84 14.47 19.04
C LEU A 261 -18.26 13.89 19.03
N CYS A 262 -18.38 12.70 18.41
CA CYS A 262 -19.59 11.85 18.53
C CYS A 262 -20.83 12.63 18.07
N ALA A 263 -21.93 12.62 18.83
CA ALA A 263 -23.13 13.30 18.35
C ALA A 263 -22.99 14.81 18.32
N ASN A 264 -21.97 15.38 18.93
CA ASN A 264 -21.86 16.84 19.02
C ASN A 264 -21.26 17.43 17.76
N GLU A 265 -20.77 16.61 16.83
CA GLU A 265 -20.09 17.18 15.66
C GLU A 265 -20.50 16.34 14.46
N ASN A 266 -21.16 16.96 13.50
CA ASN A 266 -21.77 16.14 12.44
C ASN A 266 -20.79 15.92 11.29
N TYR A 267 -19.89 14.97 11.52
CA TYR A 267 -18.90 14.62 10.49
C TYR A 267 -19.54 14.08 9.23
N SER A 268 -20.78 13.53 9.31
CA SER A 268 -21.37 12.98 8.09
CA SER A 268 -21.45 12.99 8.12
C SER A 268 -21.74 14.07 7.09
N LYS A 269 -21.74 15.33 7.51
CA LYS A 269 -21.96 16.46 6.58
C LYS A 269 -20.77 16.71 5.67
N SER A 270 -19.58 16.29 6.08
CA SER A 270 -18.42 16.55 5.27
C SER A 270 -18.49 15.77 3.97
N PRO A 271 -18.26 16.41 2.83
CA PRO A 271 -18.20 15.66 1.57
C PRO A 271 -17.01 14.72 1.50
N ARG A 272 -16.04 14.84 2.43
CA ARG A 272 -14.91 13.92 2.49
C ARG A 272 -15.13 12.74 3.40
N ILE A 273 -16.34 12.58 3.98
CA ILE A 273 -16.57 11.49 4.94
C ILE A 273 -17.76 10.70 4.45
N SER A 274 -17.56 9.38 4.21
CA SER A 274 -18.60 8.53 3.65
C SER A 274 -19.37 7.74 4.70
N ALA A 275 -18.87 7.64 5.92
CA ALA A 275 -19.62 6.99 7.00
C ALA A 275 -19.16 7.58 8.32
N TYR A 276 -20.10 7.67 9.28
CA TYR A 276 -19.78 8.22 10.58
C TYR A 276 -20.62 7.48 11.63
N ASP A 277 -19.94 6.96 12.66
CA ASP A 277 -20.61 6.17 13.69
C ASP A 277 -19.97 6.51 15.04
N TYR A 278 -20.74 6.39 16.11
CA TYR A 278 -20.18 6.61 17.44
C TYR A 278 -21.06 5.89 18.45
N LYS A 279 -20.49 5.66 19.64
CA LYS A 279 -21.28 5.04 20.71
C LYS A 279 -20.59 5.34 22.05
N ASP A 280 -21.39 5.64 23.07
CA ASP A 280 -20.89 5.77 24.45
C ASP A 280 -19.82 6.85 24.61
N CYS A 281 -19.96 7.96 23.88
CA CYS A 281 -18.99 9.04 23.90
C CYS A 281 -19.69 10.36 23.55
N PRO A 282 -19.11 11.51 23.95
CA PRO A 282 -17.93 11.71 24.81
C PRO A 282 -18.22 11.78 26.35
N SER B 19 5.65 -14.47 -37.83
CA SER B 19 4.62 -15.45 -38.17
C SER B 19 3.95 -16.07 -36.96
N HIS B 20 4.55 -15.90 -35.77
CA HIS B 20 3.98 -16.39 -34.52
C HIS B 20 2.51 -16.00 -34.37
N MET B 21 2.17 -14.72 -34.65
CA MET B 21 0.80 -14.25 -34.46
C MET B 21 0.17 -13.68 -35.74
N ASP B 22 0.58 -14.18 -36.92
CA ASP B 22 0.01 -13.75 -38.21
C ASP B 22 -1.47 -14.09 -38.35
N CYS B 23 -1.99 -14.83 -37.36
CA CYS B 23 -3.40 -15.07 -37.08
C CYS B 23 -4.18 -13.85 -36.61
N ILE B 24 -3.50 -12.79 -36.14
CA ILE B 24 -4.13 -11.48 -35.90
C ILE B 24 -4.01 -10.67 -37.19
N ALA B 25 -5.15 -10.20 -37.74
CA ALA B 25 -5.08 -9.47 -39.00
C ALA B 25 -4.44 -8.11 -38.79
N ASP B 26 -3.70 -7.64 -39.80
CA ASP B 26 -3.02 -6.36 -39.66
C ASP B 26 -4.01 -5.27 -39.25
N SER B 27 -5.24 -5.29 -39.83
CA SER B 27 -6.18 -4.21 -39.59
C SER B 27 -6.69 -4.16 -38.16
N LYS B 28 -6.49 -5.23 -37.38
CA LYS B 28 -6.93 -5.24 -36.00
C LYS B 28 -5.94 -4.58 -35.05
N ILE B 29 -4.74 -4.29 -35.52
CA ILE B 29 -3.66 -3.85 -34.65
C ILE B 29 -3.68 -2.32 -34.70
N THR B 30 -4.51 -1.70 -33.83
CA THR B 30 -4.66 -0.25 -33.81
C THR B 30 -4.69 0.20 -32.37
N ALA B 31 -4.41 1.50 -32.17
CA ALA B 31 -4.45 2.03 -30.81
C ALA B 31 -5.85 1.92 -30.24
N VAL B 32 -6.86 2.24 -31.03
CA VAL B 32 -8.25 2.07 -30.58
C VAL B 32 -8.54 0.64 -30.14
N ALA B 33 -8.07 -0.36 -30.88
CA ALA B 33 -8.37 -1.74 -30.46
C ALA B 33 -7.64 -2.11 -29.18
N LEU B 34 -6.38 -1.68 -29.04
CA LEU B 34 -5.62 -2.09 -27.86
CA LEU B 34 -5.61 -2.07 -27.86
C LEU B 34 -6.08 -1.36 -26.59
N SER B 35 -6.66 -0.18 -26.74
CA SER B 35 -7.08 0.65 -25.60
C SER B 35 -8.54 0.32 -25.26
N ASP B 36 -8.73 -0.81 -24.61
CA ASP B 36 -10.07 -1.31 -24.35
C ASP B 36 -10.01 -2.05 -23.02
N THR B 37 -11.11 -2.73 -22.68
CA THR B 37 -11.21 -3.28 -21.32
C THR B 37 -11.50 -4.77 -21.34
N ARG B 38 -11.16 -5.44 -20.23
CA ARG B 38 -11.55 -6.84 -19.93
C ARG B 38 -11.15 -7.74 -21.10
N ASP B 39 -12.05 -8.58 -21.63
CA ASP B 39 -11.70 -9.45 -22.74
C ASP B 39 -12.10 -8.85 -24.09
N ASN B 40 -12.21 -7.54 -24.20
CA ASN B 40 -12.40 -6.94 -25.54
C ASN B 40 -11.05 -7.00 -26.27
N GLY B 41 -10.92 -7.96 -27.21
CA GLY B 41 -9.69 -8.28 -27.91
C GLY B 41 -10.05 -9.26 -29.02
N PRO B 42 -9.10 -9.61 -29.91
CA PRO B 42 -9.48 -10.36 -31.12
C PRO B 42 -9.91 -11.80 -30.87
N PHE B 43 -9.52 -12.39 -29.74
CA PHE B 43 -9.82 -13.80 -29.48
C PHE B 43 -10.81 -13.95 -28.34
N SER B 44 -11.64 -14.99 -28.48
CA SER B 44 -12.52 -15.46 -27.43
C SER B 44 -11.68 -16.22 -26.44
N ILE B 45 -12.06 -16.18 -25.16
CA ILE B 45 -11.21 -16.79 -24.14
C ILE B 45 -12.03 -17.67 -23.18
N ARG B 46 -11.31 -18.55 -22.51
CA ARG B 46 -11.85 -19.37 -21.42
C ARG B 46 -10.89 -19.31 -20.24
N THR B 47 -11.38 -19.74 -19.05
CA THR B 47 -10.52 -19.77 -17.86
C THR B 47 -10.58 -21.15 -17.23
N LYS B 48 -9.50 -21.50 -16.53
CA LYS B 48 -9.41 -22.74 -15.78
C LYS B 48 -8.83 -22.38 -14.42
N ARG B 49 -9.52 -22.79 -13.35
CA ARG B 49 -9.03 -22.49 -11.99
C ARG B 49 -8.07 -23.55 -11.51
N ILE B 50 -6.92 -23.11 -10.98
CA ILE B 50 -5.92 -23.98 -10.39
C ILE B 50 -5.97 -23.78 -8.87
N SER B 51 -6.30 -24.84 -8.14
CA SER B 51 -6.45 -24.67 -6.70
C SER B 51 -5.10 -24.47 -5.99
N ARG B 52 -5.18 -23.88 -4.79
CA ARG B 52 -3.98 -23.71 -3.99
C ARG B 52 -3.30 -25.06 -3.72
N GLN B 53 -4.10 -26.06 -3.37
CA GLN B 53 -3.55 -27.37 -3.02
C GLN B 53 -2.92 -28.06 -4.24
N SER B 54 -3.48 -27.84 -5.46
CA SER B 54 -2.94 -28.45 -6.69
CA SER B 54 -2.85 -28.54 -6.57
C SER B 54 -1.63 -27.79 -7.10
N ALA B 55 -1.54 -26.49 -6.89
CA ALA B 55 -0.40 -25.71 -7.37
C ALA B 55 0.86 -26.04 -6.56
N LYS B 56 1.93 -26.39 -7.27
CA LYS B 56 3.20 -26.76 -6.62
C LYS B 56 4.13 -25.56 -6.69
N GLY B 57 4.22 -24.79 -5.61
CA GLY B 57 5.09 -23.64 -5.59
C GLY B 57 4.42 -22.28 -5.68
N PHE B 58 3.10 -22.24 -5.63
CA PHE B 58 2.37 -20.98 -5.52
C PHE B 58 0.98 -21.29 -4.97
N GLY B 59 0.18 -20.23 -4.78
CA GLY B 59 -1.09 -20.35 -4.08
C GLY B 59 -2.29 -20.61 -4.96
N GLY B 60 -2.10 -21.16 -6.16
CA GLY B 60 -3.20 -21.37 -7.13
C GLY B 60 -3.37 -20.13 -7.98
N GLY B 61 -4.32 -20.20 -8.91
CA GLY B 61 -4.59 -19.04 -9.72
C GLY B 61 -5.59 -19.37 -10.81
N THR B 62 -5.65 -18.49 -11.82
CA THR B 62 -6.60 -18.62 -12.91
C THR B 62 -5.80 -18.64 -14.21
N ILE B 63 -5.91 -19.74 -14.98
CA ILE B 63 -5.31 -19.74 -16.32
C ILE B 63 -6.35 -19.19 -17.31
N HIS B 64 -5.95 -18.20 -18.11
CA HIS B 64 -6.79 -17.59 -19.13
C HIS B 64 -6.20 -17.97 -20.48
N TYR B 65 -7.05 -18.36 -21.42
CA TYR B 65 -6.47 -18.75 -22.70
C TYR B 65 -7.45 -18.49 -23.82
N PRO B 66 -6.94 -18.21 -25.02
CA PRO B 66 -7.83 -18.02 -26.16
C PRO B 66 -8.27 -19.36 -26.73
N THR B 67 -9.52 -19.42 -27.22
CA THR B 67 -10.06 -20.67 -27.76
C THR B 67 -10.13 -20.67 -29.28
N ASN B 68 -9.98 -19.51 -29.95
CA ASN B 68 -10.01 -19.50 -31.41
C ASN B 68 -8.74 -18.90 -31.99
N ALA B 69 -7.62 -19.16 -31.34
CA ALA B 69 -6.31 -18.79 -31.85
C ALA B 69 -5.54 -19.99 -32.40
N SER B 70 -6.22 -21.11 -32.74
CA SER B 70 -5.47 -22.29 -33.18
C SER B 70 -4.74 -22.02 -34.47
N GLY B 71 -5.21 -21.05 -35.25
CA GLY B 71 -4.49 -20.52 -36.39
C GLY B 71 -3.16 -19.85 -36.09
N CYS B 72 -2.84 -19.52 -34.83
CA CYS B 72 -1.54 -18.88 -34.55
C CYS B 72 -0.37 -19.87 -34.33
N GLY B 73 -0.62 -21.18 -34.34
CA GLY B 73 0.49 -22.04 -33.94
C GLY B 73 0.68 -21.90 -32.43
N LEU B 74 1.92 -22.03 -31.98
CA LEU B 74 2.09 -22.04 -30.53
C LEU B 74 2.04 -20.61 -29.97
N LEU B 75 1.52 -20.49 -28.75
CA LEU B 75 1.30 -19.20 -28.10
C LEU B 75 2.38 -18.93 -27.06
N GLY B 76 2.65 -17.63 -26.82
CA GLY B 76 3.42 -17.26 -25.66
C GLY B 76 2.62 -17.42 -24.37
N ALA B 77 3.31 -17.52 -23.22
CA ALA B 77 2.61 -17.68 -21.97
C ALA B 77 3.18 -16.74 -20.90
N ILE B 78 2.30 -16.17 -20.10
CA ILE B 78 2.69 -15.10 -19.16
C ILE B 78 2.14 -15.42 -17.78
N ALA B 79 2.96 -15.24 -16.74
CA ALA B 79 2.49 -15.35 -15.36
C ALA B 79 2.42 -13.99 -14.71
N VAL B 80 1.41 -13.80 -13.85
CA VAL B 80 1.15 -12.47 -13.29
C VAL B 80 1.00 -12.62 -11.78
N VAL B 81 1.73 -11.81 -10.99
CA VAL B 81 1.76 -12.04 -9.53
C VAL B 81 1.54 -10.73 -8.77
N PRO B 82 0.79 -10.75 -7.66
CA PRO B 82 0.72 -9.57 -6.77
C PRO B 82 2.05 -9.35 -6.01
N GLY B 83 2.18 -8.41 -5.12
CA GLY B 83 1.23 -7.45 -4.79
C GLY B 83 1.84 -6.73 -3.60
N TYR B 84 1.10 -5.77 -3.09
CA TYR B 84 1.36 -5.16 -1.77
C TYR B 84 0.28 -5.67 -0.83
N VAL B 85 0.65 -6.59 0.06
CA VAL B 85 -0.34 -7.25 0.99
C VAL B 85 -1.64 -7.57 0.29
N SER B 86 -1.54 -8.19 -0.88
CA SER B 86 -2.70 -8.28 -1.76
C SER B 86 -2.77 -9.65 -2.41
N TYR B 87 -3.99 -9.98 -2.87
CA TYR B 87 -4.26 -11.26 -3.51
C TYR B 87 -4.39 -11.09 -5.03
N GLU B 88 -4.75 -12.20 -5.70
CA GLU B 88 -4.86 -12.29 -7.17
C GLU B 88 -5.73 -11.18 -7.70
N ASN B 89 -6.78 -10.79 -6.96
CA ASN B 89 -7.67 -9.73 -7.49
C ASN B 89 -6.93 -8.43 -7.81
N SER B 90 -5.79 -8.16 -7.18
CA SER B 90 -5.05 -6.92 -7.48
C SER B 90 -4.46 -6.91 -8.90
N ILE B 91 -4.23 -8.08 -9.51
CA ILE B 91 -3.58 -8.13 -10.85
C ILE B 91 -4.39 -8.97 -11.83
N LYS B 92 -5.60 -9.41 -11.43
CA LYS B 92 -6.29 -10.40 -12.28
C LYS B 92 -6.66 -9.83 -13.66
N TRP B 93 -6.87 -8.52 -13.74
CA TRP B 93 -7.38 -7.94 -14.96
C TRP B 93 -6.42 -8.11 -16.13
N TRP B 94 -5.14 -8.37 -15.87
CA TRP B 94 -4.24 -8.62 -16.99
C TRP B 94 -4.58 -9.91 -17.71
N GLY B 95 -5.21 -10.87 -17.03
CA GLY B 95 -5.49 -12.16 -17.62
C GLY B 95 -6.41 -12.07 -18.85
N PRO B 96 -7.62 -11.50 -18.68
CA PRO B 96 -8.49 -11.39 -19.85
C PRO B 96 -7.89 -10.48 -20.90
N ARG B 97 -7.17 -9.43 -20.50
CA ARG B 97 -6.65 -8.48 -21.49
C ARG B 97 -5.66 -9.19 -22.41
N LEU B 98 -4.71 -9.89 -21.84
CA LEU B 98 -3.64 -10.49 -22.64
C LEU B 98 -4.12 -11.77 -23.33
N ALA B 99 -4.99 -12.55 -22.67
CA ALA B 99 -5.50 -13.75 -23.32
C ALA B 99 -6.33 -13.40 -24.55
N SER B 100 -7.11 -12.32 -24.51
CA SER B 100 -7.89 -11.95 -25.68
C SER B 100 -6.99 -11.48 -26.82
N TRP B 101 -5.71 -11.13 -26.54
CA TRP B 101 -4.73 -10.78 -27.55
C TRP B 101 -3.79 -11.94 -27.89
N GLY B 102 -4.08 -13.15 -27.44
CA GLY B 102 -3.42 -14.33 -27.98
C GLY B 102 -2.43 -15.02 -27.04
N PHE B 103 -2.34 -14.62 -25.76
CA PHE B 103 -1.43 -15.27 -24.84
C PHE B 103 -2.18 -16.25 -23.94
N VAL B 104 -1.47 -17.25 -23.42
CA VAL B 104 -1.99 -17.99 -22.26
C VAL B 104 -1.49 -17.24 -21.06
N VAL B 105 -2.36 -16.96 -20.07
CA VAL B 105 -1.93 -16.08 -18.99
C VAL B 105 -2.43 -16.66 -17.67
N ILE B 106 -1.54 -16.83 -16.68
CA ILE B 106 -2.01 -17.30 -15.39
C ILE B 106 -1.85 -16.15 -14.38
N THR B 107 -2.95 -15.80 -13.72
CA THR B 107 -2.90 -14.81 -12.65
C THR B 107 -2.88 -15.59 -11.34
N ILE B 108 -1.94 -15.27 -10.43
CA ILE B 108 -1.79 -16.16 -9.29
C ILE B 108 -1.99 -15.48 -7.95
N ASN B 109 -2.32 -16.31 -6.96
CA ASN B 109 -2.02 -16.03 -5.56
C ASN B 109 -0.68 -16.61 -5.18
N THR B 110 -0.04 -15.98 -4.19
CA THR B 110 1.15 -16.56 -3.60
C THR B 110 0.77 -17.43 -2.39
N ASN B 111 1.78 -18.17 -1.90
CA ASN B 111 1.50 -18.97 -0.71
C ASN B 111 1.05 -18.07 0.42
N SER B 112 1.72 -16.92 0.59
CA SER B 112 1.29 -15.95 1.61
C SER B 112 1.36 -14.57 0.97
N ILE B 113 0.40 -13.71 1.32
CA ILE B 113 0.50 -12.32 0.85
C ILE B 113 1.69 -11.59 1.47
N TYR B 114 2.36 -12.17 2.48
CA TYR B 114 3.57 -11.60 3.07
C TYR B 114 4.86 -12.10 2.44
N ASP B 115 4.77 -12.96 1.42
CA ASP B 115 6.01 -13.42 0.79
C ASP B 115 6.76 -12.25 0.15
N ASP B 116 8.13 -12.36 0.14
CA ASP B 116 8.93 -11.22 -0.31
C ASP B 116 9.21 -11.26 -1.81
N PRO B 117 9.91 -10.26 -2.36
CA PRO B 117 10.10 -10.24 -3.82
C PRO B 117 10.80 -11.47 -4.38
N ASP B 118 11.88 -11.93 -3.73
CA ASP B 118 12.56 -13.11 -4.30
C ASP B 118 11.71 -14.36 -4.23
N SER B 119 10.88 -14.52 -3.17
CA SER B 119 9.95 -15.63 -3.13
CA SER B 119 9.95 -15.62 -3.13
C SER B 119 8.97 -15.53 -4.28
N ARG B 120 8.53 -14.32 -4.60
CA ARG B 120 7.58 -14.17 -5.72
C ARG B 120 8.21 -14.54 -7.03
N ALA B 121 9.53 -14.33 -7.21
CA ALA B 121 10.19 -14.81 -8.42
C ALA B 121 10.07 -16.33 -8.52
N ALA B 122 10.26 -17.01 -7.39
CA ALA B 122 10.14 -18.47 -7.44
C ALA B 122 8.72 -18.90 -7.74
N GLN B 123 7.72 -18.16 -7.23
CA GLN B 123 6.33 -18.53 -7.45
C GLN B 123 5.90 -18.22 -8.89
N LEU B 124 6.38 -17.12 -9.47
CA LEU B 124 6.23 -16.92 -10.90
C LEU B 124 6.82 -18.09 -11.68
N ASN B 125 8.02 -18.52 -11.30
CA ASN B 125 8.66 -19.63 -12.01
C ASN B 125 7.78 -20.90 -11.99
N ALA B 126 7.23 -21.21 -10.81
CA ALA B 126 6.38 -22.38 -10.63
C ALA B 126 5.10 -22.24 -11.44
N ALA B 127 4.56 -21.00 -11.54
CA ALA B 127 3.33 -20.75 -12.28
C ALA B 127 3.56 -20.94 -13.80
N LEU B 128 4.72 -20.51 -14.30
CA LEU B 128 5.05 -20.79 -15.70
C LEU B 128 5.13 -22.28 -15.94
N ASP B 129 5.78 -23.00 -15.01
CA ASP B 129 5.91 -24.44 -15.18
C ASP B 129 4.55 -25.13 -15.13
N ASN B 130 3.65 -24.61 -14.28
CA ASN B 130 2.30 -25.17 -14.22
C ASN B 130 1.62 -25.08 -15.60
N MET B 131 1.68 -23.92 -16.25
CA MET B 131 1.03 -23.82 -17.53
C MET B 131 1.65 -24.77 -18.54
N ILE B 132 3.00 -24.84 -18.56
CA ILE B 132 3.68 -25.70 -19.53
C ILE B 132 3.26 -27.14 -19.37
N ALA B 133 2.98 -27.55 -18.13
CA ALA B 133 2.58 -28.91 -17.84
C ALA B 133 1.07 -29.15 -17.85
N ASP B 134 0.27 -28.14 -18.11
CA ASP B 134 -1.17 -28.24 -17.96
C ASP B 134 -1.80 -29.05 -19.09
N ASP B 135 -2.78 -29.90 -18.74
CA ASP B 135 -3.41 -30.77 -19.75
CA ASP B 135 -3.37 -30.77 -19.77
C ASP B 135 -4.18 -29.97 -20.79
N THR B 136 -4.69 -28.79 -20.41
CA THR B 136 -5.54 -27.98 -21.29
C THR B 136 -4.71 -27.03 -22.14
N VAL B 137 -3.71 -26.33 -21.57
CA VAL B 137 -3.00 -25.30 -22.32
C VAL B 137 -1.57 -25.67 -22.66
N GLY B 138 -1.00 -26.73 -22.07
CA GLY B 138 0.40 -27.00 -22.30
C GLY B 138 0.72 -27.32 -23.74
N SER B 139 -0.23 -27.92 -24.48
CA SER B 139 0.04 -28.23 -25.91
C SER B 139 -0.05 -26.98 -26.80
N MET B 140 -0.67 -25.89 -26.31
CA MET B 140 -0.84 -24.64 -27.04
C MET B 140 0.36 -23.73 -26.87
N ILE B 141 1.25 -24.00 -25.89
CA ILE B 141 2.28 -23.01 -25.49
C ILE B 141 3.64 -23.39 -26.07
N ASP B 142 4.40 -22.34 -26.47
CA ASP B 142 5.80 -22.53 -26.81
C ASP B 142 6.59 -22.29 -25.52
N PRO B 143 7.18 -23.31 -24.90
CA PRO B 143 7.80 -23.10 -23.60
C PRO B 143 9.01 -22.19 -23.66
N LYS B 144 9.50 -21.84 -24.86
CA LYS B 144 10.61 -20.92 -24.99
C LYS B 144 10.14 -19.46 -25.08
N ARG B 145 8.81 -19.21 -25.03
CA ARG B 145 8.33 -17.84 -25.26
C ARG B 145 7.46 -17.45 -24.06
N LEU B 146 8.10 -17.02 -23.00
CA LEU B 146 7.40 -16.75 -21.75
C LEU B 146 7.53 -15.28 -21.32
N GLY B 147 6.62 -14.85 -20.46
CA GLY B 147 6.71 -13.50 -19.92
C GLY B 147 6.28 -13.47 -18.46
N ALA B 148 6.56 -12.36 -17.78
CA ALA B 148 6.10 -12.21 -16.40
C ALA B 148 5.74 -10.76 -16.10
N ILE B 149 4.65 -10.59 -15.33
CA ILE B 149 4.17 -9.30 -14.90
C ILE B 149 4.03 -9.38 -13.40
N GLY B 150 4.33 -8.28 -12.70
CA GLY B 150 4.06 -8.32 -11.27
C GLY B 150 3.92 -6.92 -10.73
N TRP B 151 3.07 -6.78 -9.73
CA TRP B 151 2.86 -5.51 -9.05
C TRP B 151 3.61 -5.48 -7.71
N SER B 152 4.28 -4.36 -7.44
CA SER B 152 4.87 -4.10 -6.11
C SER B 152 5.94 -5.14 -5.83
N MET B 153 5.87 -5.87 -4.72
CA MET B 153 6.86 -6.92 -4.48
C MET B 153 6.86 -7.94 -5.60
N GLY B 154 5.71 -8.13 -6.27
CA GLY B 154 5.67 -8.99 -7.46
C GLY B 154 6.43 -8.44 -8.65
N GLY B 155 6.46 -7.10 -8.83
CA GLY B 155 7.33 -6.50 -9.84
C GLY B 155 8.80 -6.76 -9.54
N GLY B 156 9.20 -6.71 -8.26
CA GLY B 156 10.53 -7.18 -7.91
C GLY B 156 10.73 -8.64 -8.29
N GLY B 157 9.72 -9.49 -8.04
CA GLY B 157 9.81 -10.90 -8.43
C GLY B 157 10.03 -11.09 -9.92
N ALA B 158 9.38 -10.27 -10.77
CA ALA B 158 9.55 -10.39 -12.21
C ALA B 158 10.96 -10.02 -12.61
N LEU B 159 11.51 -8.95 -12.01
CA LEU B 159 12.91 -8.58 -12.31
C LEU B 159 13.88 -9.71 -11.91
N LYS B 160 13.74 -10.25 -10.68
CA LYS B 160 14.59 -11.35 -10.24
C LYS B 160 14.45 -12.55 -11.18
N LEU B 161 13.20 -12.92 -11.54
CA LEU B 161 13.01 -14.10 -12.40
C LEU B 161 13.72 -13.92 -13.74
N ALA B 162 13.68 -12.70 -14.29
CA ALA B 162 14.35 -12.45 -15.58
C ALA B 162 15.86 -12.77 -15.53
N THR B 163 16.49 -12.60 -14.36
CA THR B 163 17.92 -12.88 -14.26
C THR B 163 18.23 -14.37 -14.21
N GLU B 164 17.20 -15.20 -13.97
CA GLU B 164 17.38 -16.60 -13.68
C GLU B 164 16.82 -17.50 -14.75
N ARG B 165 15.91 -17.03 -15.59
CA ARG B 165 15.24 -17.90 -16.58
C ARG B 165 15.30 -17.29 -17.97
N SER B 166 16.12 -17.90 -18.84
CA SER B 166 16.39 -17.28 -20.13
C SER B 166 15.22 -17.41 -21.10
N THR B 167 14.25 -18.28 -20.78
CA THR B 167 13.06 -18.35 -21.63
C THR B 167 11.99 -17.31 -21.28
N VAL B 168 12.21 -16.49 -20.25
CA VAL B 168 11.37 -15.31 -20.03
C VAL B 168 11.89 -14.25 -20.99
N ARG B 169 11.08 -13.96 -22.00
CA ARG B 169 11.44 -13.06 -23.09
C ARG B 169 11.07 -11.59 -22.83
N ALA B 170 10.20 -11.33 -21.84
CA ALA B 170 9.75 -9.96 -21.61
C ALA B 170 9.18 -9.89 -20.21
N ILE B 171 9.43 -8.78 -19.51
CA ILE B 171 8.81 -8.58 -18.19
C ILE B 171 8.21 -7.20 -18.11
N MET B 172 7.20 -7.06 -17.24
CA MET B 172 6.55 -5.75 -16.97
C MET B 172 6.46 -5.62 -15.45
N PRO B 173 7.47 -5.03 -14.82
CA PRO B 173 7.35 -4.71 -13.37
C PRO B 173 6.51 -3.47 -13.17
N LEU B 174 5.46 -3.60 -12.34
CA LEU B 174 4.50 -2.53 -12.11
C LEU B 174 4.72 -2.00 -10.69
N ALA B 175 4.95 -0.68 -10.55
CA ALA B 175 5.29 -0.08 -9.26
C ALA B 175 6.27 -1.00 -8.52
N PRO B 176 7.39 -1.35 -9.12
CA PRO B 176 8.18 -2.46 -8.58
C PRO B 176 8.89 -2.14 -7.28
N TYR B 177 8.95 -3.16 -6.42
CA TYR B 177 9.64 -3.09 -5.13
C TYR B 177 10.57 -4.29 -5.04
N HIS B 178 11.85 -4.04 -4.72
CA HIS B 178 12.77 -5.13 -4.45
C HIS B 178 13.85 -4.50 -3.60
N ASP B 179 14.05 -4.98 -2.38
CA ASP B 179 14.99 -4.32 -1.47
C ASP B 179 16.25 -5.14 -1.30
N LYS B 180 16.59 -5.95 -2.32
CA LYS B 180 17.85 -6.70 -2.30
C LYS B 180 18.48 -6.66 -3.71
N SER B 181 19.80 -6.93 -3.77
CA SER B 181 20.38 -7.09 -5.11
C SER B 181 19.74 -8.28 -5.79
N TYR B 182 19.44 -8.11 -7.07
CA TYR B 182 18.94 -9.23 -7.87
C TYR B 182 19.79 -9.47 -9.09
N GLY B 183 20.66 -8.56 -9.43
CA GLY B 183 21.57 -8.81 -10.52
C GLY B 183 21.18 -8.06 -11.78
N GLU B 184 21.88 -8.38 -12.84
CA GLU B 184 21.80 -7.63 -14.07
C GLU B 184 20.72 -8.19 -14.97
N VAL B 185 19.75 -7.36 -15.36
CA VAL B 185 18.67 -7.78 -16.26
C VAL B 185 18.99 -7.32 -17.70
N LYS B 186 19.03 -8.29 -18.65
CA LYS B 186 19.11 -8.03 -20.09
C LYS B 186 17.77 -8.23 -20.79
N THR B 187 16.80 -8.84 -20.11
CA THR B 187 15.52 -9.15 -20.71
C THR B 187 14.81 -7.84 -21.05
N PRO B 188 14.10 -7.77 -22.18
CA PRO B 188 13.27 -6.57 -22.44
C PRO B 188 12.32 -6.26 -21.29
N THR B 189 12.41 -5.04 -20.75
CA THR B 189 11.72 -4.68 -19.52
C THR B 189 10.92 -3.41 -19.71
N LEU B 190 9.58 -3.50 -19.48
CA LEU B 190 8.70 -2.31 -19.46
C LEU B 190 8.34 -2.02 -18.01
N VAL B 191 8.89 -0.96 -17.47
CA VAL B 191 8.62 -0.56 -16.07
C VAL B 191 7.44 0.40 -16.09
N ILE B 192 6.43 0.11 -15.28
CA ILE B 192 5.39 1.11 -15.00
C ILE B 192 5.67 1.66 -13.61
N ALA B 193 5.91 2.95 -13.52
CA ALA B 193 6.23 3.57 -12.23
C ALA B 193 5.08 4.50 -11.85
N CYS B 194 4.97 4.79 -10.55
CA CYS B 194 3.88 5.65 -10.09
C CYS B 194 4.48 6.89 -9.47
N GLU B 195 4.15 8.06 -10.02
CA GLU B 195 4.93 9.25 -9.73
C GLU B 195 5.06 9.50 -8.22
N ASP B 196 3.96 9.35 -7.46
CA ASP B 196 3.92 9.72 -6.06
C ASP B 196 3.96 8.49 -5.16
N ASP B 197 4.61 7.43 -5.60
CA ASP B 197 4.68 6.19 -4.84
C ASP B 197 5.43 6.44 -3.55
N ARG B 198 4.79 6.15 -2.42
CA ARG B 198 5.41 6.35 -1.11
C ARG B 198 5.96 5.05 -0.53
N ILE B 199 5.60 3.92 -1.12
CA ILE B 199 6.08 2.60 -0.65
C ILE B 199 7.32 2.19 -1.43
N ALA B 200 7.21 2.20 -2.76
CA ALA B 200 8.35 1.92 -3.63
C ALA B 200 8.73 3.21 -4.33
N GLU B 201 9.31 4.13 -3.54
CA GLU B 201 9.67 5.45 -4.06
C GLU B 201 10.46 5.29 -5.35
N THR B 202 10.09 6.07 -6.37
CA THR B 202 10.72 5.87 -7.66
C THR B 202 12.22 6.11 -7.64
N LYS B 203 12.69 7.04 -6.81
CA LYS B 203 14.14 7.30 -6.82
C LYS B 203 14.92 6.08 -6.37
N LYS B 204 14.39 5.31 -5.43
CA LYS B 204 15.16 4.19 -4.91
C LYS B 204 14.90 2.91 -5.69
N TYR B 205 13.67 2.75 -6.23
CA TYR B 205 13.26 1.48 -6.79
C TYR B 205 13.09 1.63 -8.29
N ALA B 206 11.89 1.98 -8.80
CA ALA B 206 11.66 1.94 -10.26
C ALA B 206 12.75 2.64 -11.10
N ASN B 207 13.20 3.83 -10.70
CA ASN B 207 14.18 4.53 -11.53
C ASN B 207 15.51 3.82 -11.53
N ALA B 208 15.88 3.24 -10.38
CA ALA B 208 17.16 2.51 -10.33
C ALA B 208 17.06 1.22 -11.12
N PHE B 209 15.93 0.52 -11.01
CA PHE B 209 15.78 -0.72 -11.77
C PHE B 209 15.84 -0.42 -13.27
N TYR B 210 15.15 0.65 -13.69
CA TYR B 210 15.18 1.05 -15.10
C TYR B 210 16.60 1.39 -15.55
N LYS B 211 17.30 2.18 -14.75
CA LYS B 211 18.68 2.57 -15.08
C LYS B 211 19.57 1.34 -15.25
N ASN B 212 19.43 0.38 -14.35
CA ASN B 212 20.41 -0.70 -14.35
CA ASN B 212 20.34 -0.74 -14.27
C ASN B 212 20.12 -1.81 -15.34
N ALA B 213 18.94 -1.86 -15.95
CA ALA B 213 18.67 -2.86 -16.98
C ALA B 213 19.53 -2.57 -18.21
N ILE B 214 20.01 -3.62 -18.89
CA ILE B 214 20.94 -3.40 -19.99
C ILE B 214 20.40 -3.86 -21.33
N GLY B 215 19.14 -4.33 -21.40
CA GLY B 215 18.53 -4.75 -22.63
C GLY B 215 17.57 -3.69 -23.12
N PRO B 216 16.70 -4.01 -24.08
CA PRO B 216 15.61 -3.10 -24.44
C PRO B 216 14.82 -2.72 -23.19
N LYS B 217 14.45 -1.42 -23.10
CA LYS B 217 13.76 -1.04 -21.87
C LYS B 217 12.91 0.20 -22.11
N MET B 218 11.83 0.31 -21.34
CA MET B 218 10.93 1.46 -21.48
C MET B 218 10.36 1.69 -20.09
N LYS B 219 10.09 2.98 -19.73
CA LYS B 219 9.54 3.28 -18.41
C LYS B 219 8.47 4.34 -18.58
N VAL B 220 7.22 4.00 -18.17
CA VAL B 220 6.11 4.93 -18.23
C VAL B 220 5.78 5.27 -16.79
N GLU B 221 5.81 6.57 -16.43
CA GLU B 221 5.46 6.97 -15.05
C GLU B 221 4.08 7.62 -15.03
N VAL B 222 3.17 7.09 -14.22
CA VAL B 222 1.79 7.60 -14.18
C VAL B 222 1.75 8.85 -13.30
N ASN B 223 1.30 9.97 -13.88
CA ASN B 223 1.16 11.26 -13.20
C ASN B 223 0.34 11.12 -11.92
N ASN B 224 0.91 11.59 -10.81
CA ASN B 224 0.21 11.65 -9.51
C ASN B 224 -0.09 10.26 -8.95
N GLY B 225 0.47 9.21 -9.52
CA GLY B 225 0.09 7.84 -9.12
C GLY B 225 0.60 7.49 -7.73
N SER B 226 -0.26 6.82 -6.93
CA SER B 226 0.15 6.20 -5.68
C SER B 226 0.70 4.80 -5.98
N HIS B 227 1.16 4.11 -4.94
CA HIS B 227 1.61 2.72 -5.14
C HIS B 227 0.54 1.83 -5.78
N PHE B 228 -0.73 2.18 -5.64
CA PHE B 228 -1.81 1.37 -6.23
C PHE B 228 -2.00 1.65 -7.73
N CYS B 229 -1.25 2.58 -8.31
CA CYS B 229 -1.62 3.06 -9.65
C CYS B 229 -1.70 2.00 -10.75
N PRO B 230 -0.98 0.86 -10.71
CA PRO B 230 -1.15 -0.16 -11.75
C PRO B 230 -1.87 -1.39 -11.23
N SER B 231 -2.64 -1.27 -10.16
CA SER B 231 -3.30 -2.39 -9.54
C SER B 231 -4.80 -2.27 -9.71
N TYR B 232 -5.51 -3.39 -9.51
CA TYR B 232 -6.96 -3.42 -9.35
C TYR B 232 -7.71 -2.69 -10.46
N ARG B 233 -7.21 -2.70 -11.69
CA ARG B 233 -7.90 -2.01 -12.81
C ARG B 233 -7.79 -0.48 -12.77
N PHE B 234 -7.09 0.12 -11.81
CA PHE B 234 -6.70 1.50 -12.01
C PHE B 234 -5.77 1.56 -13.22
N ASN B 235 -6.07 2.51 -14.06
CA ASN B 235 -5.31 2.81 -15.25
C ASN B 235 -5.31 1.67 -16.27
N GLU B 236 -6.35 0.82 -16.28
CA GLU B 236 -6.39 -0.33 -17.21
C GLU B 236 -6.23 0.09 -18.67
N ILE B 237 -7.02 1.06 -19.14
CA ILE B 237 -6.95 1.39 -20.56
C ILE B 237 -5.61 2.02 -20.88
N LEU B 238 -5.14 2.91 -19.99
CA LEU B 238 -3.86 3.57 -20.20
C LEU B 238 -2.73 2.56 -20.31
N LEU B 239 -2.73 1.54 -19.45
CA LEU B 239 -1.62 0.60 -19.44
C LEU B 239 -1.77 -0.56 -20.41
N SER B 240 -2.98 -0.80 -20.93
CA SER B 240 -3.22 -1.94 -21.81
C SER B 240 -2.42 -1.82 -23.09
N LYS B 241 -2.43 -0.61 -23.70
CA LYS B 241 -1.76 -0.47 -24.99
C LYS B 241 -0.25 -0.72 -24.91
N PRO B 242 0.52 -0.03 -24.08
CA PRO B 242 1.96 -0.36 -24.04
C PRO B 242 2.21 -1.77 -23.53
N GLY B 243 1.40 -2.26 -22.59
CA GLY B 243 1.63 -3.60 -22.04
C GLY B 243 1.44 -4.69 -23.09
N ILE B 244 0.30 -4.67 -23.77
CA ILE B 244 0.06 -5.68 -24.82
C ILE B 244 1.14 -5.56 -25.91
N ALA B 245 1.44 -4.32 -26.32
CA ALA B 245 2.44 -4.15 -27.38
C ALA B 245 3.81 -4.69 -26.97
N TRP B 246 4.27 -4.39 -25.75
CA TRP B 246 5.60 -4.86 -25.33
C TRP B 246 5.64 -6.39 -25.36
N MET B 247 4.60 -7.03 -24.82
CA MET B 247 4.63 -8.49 -24.76
C MET B 247 4.54 -9.08 -26.16
N GLN B 248 3.69 -8.51 -27.04
CA GLN B 248 3.67 -9.00 -28.43
C GLN B 248 5.01 -8.78 -29.12
N ARG B 249 5.63 -7.61 -28.91
CA ARG B 249 6.88 -7.33 -29.61
C ARG B 249 7.97 -8.29 -29.15
N TYR B 250 8.04 -8.55 -27.83
CA TYR B 250 9.24 -9.25 -27.37
C TYR B 250 9.02 -10.73 -27.10
N ILE B 251 7.80 -11.14 -26.67
CA ILE B 251 7.53 -12.59 -26.57
C ILE B 251 7.33 -13.18 -27.96
N ASN B 252 6.56 -12.49 -28.81
CA ASN B 252 6.20 -13.03 -30.12
C ASN B 252 6.95 -12.42 -31.31
N ASN B 253 7.93 -11.55 -31.06
CA ASN B 253 8.73 -10.93 -32.11
C ASN B 253 7.85 -10.26 -33.15
N ASP B 254 6.73 -9.69 -32.72
CA ASP B 254 5.76 -9.15 -33.69
C ASP B 254 6.00 -7.65 -33.82
N THR B 255 6.74 -7.26 -34.86
CA THR B 255 7.08 -5.84 -35.05
C THR B 255 5.89 -5.00 -35.52
N ARG B 256 4.71 -5.58 -35.77
CA ARG B 256 3.58 -4.71 -36.04
C ARG B 256 3.20 -3.92 -34.80
N PHE B 257 3.73 -4.31 -33.62
CA PHE B 257 3.44 -3.60 -32.38
C PHE B 257 4.50 -2.54 -32.05
N ASP B 258 5.52 -2.43 -32.90
CA ASP B 258 6.57 -1.42 -32.72
C ASP B 258 5.95 -0.04 -32.63
N LYS B 259 4.85 0.20 -33.38
CA LYS B 259 4.36 1.56 -33.50
C LYS B 259 3.81 2.09 -32.20
N PHE B 260 3.59 1.23 -31.22
CA PHE B 260 3.09 1.68 -29.92
C PHE B 260 4.19 1.84 -28.89
N LEU B 261 5.45 1.74 -29.29
CA LEU B 261 6.54 1.61 -28.33
C LEU B 261 7.66 2.62 -28.58
N CYS B 262 8.34 3.00 -27.50
CA CYS B 262 9.63 3.71 -27.60
C CYS B 262 9.44 4.96 -28.45
N ALA B 263 10.35 5.24 -29.41
CA ALA B 263 10.28 6.52 -30.11
C ALA B 263 9.03 6.66 -30.98
N ASN B 264 8.33 5.56 -31.25
CA ASN B 264 7.17 5.58 -32.13
C ASN B 264 5.92 6.05 -31.42
N GLU B 265 5.95 6.16 -30.10
CA GLU B 265 4.73 6.52 -29.39
C GLU B 265 5.16 7.34 -28.19
N ASN B 266 4.97 8.66 -28.23
CA ASN B 266 5.46 9.50 -27.14
C ASN B 266 4.42 9.62 -26.04
N TYR B 267 4.50 8.70 -25.07
CA TYR B 267 3.53 8.65 -23.97
C TYR B 267 3.57 9.88 -23.09
N SER B 268 4.68 10.64 -23.08
CA SER B 268 4.72 11.84 -22.26
C SER B 268 3.72 12.90 -22.75
N LYS B 269 3.19 12.77 -23.99
CA LYS B 269 2.17 13.71 -24.47
C LYS B 269 0.79 13.46 -23.85
N SER B 270 0.64 12.36 -23.10
CA SER B 270 -0.58 12.18 -22.33
C SER B 270 -0.50 12.99 -21.06
N PRO B 271 -1.55 13.69 -20.67
CA PRO B 271 -1.53 14.40 -19.38
C PRO B 271 -1.49 13.42 -18.20
N ARG B 272 -1.74 12.16 -18.46
CA ARG B 272 -1.75 11.16 -17.37
C ARG B 272 -0.38 10.53 -17.16
N ILE B 273 0.61 10.89 -17.98
CA ILE B 273 1.95 10.29 -17.93
C ILE B 273 2.95 11.38 -17.61
N SER B 274 3.58 11.34 -16.41
CA SER B 274 4.49 12.41 -16.00
C SER B 274 5.95 12.22 -16.42
N ALA B 275 6.34 11.01 -16.82
CA ALA B 275 7.70 10.80 -17.31
C ALA B 275 7.65 9.63 -18.28
N TYR B 276 8.50 9.70 -19.30
CA TYR B 276 8.55 8.63 -20.27
C TYR B 276 9.99 8.50 -20.72
N ASP B 277 10.51 7.28 -20.70
CA ASP B 277 11.89 7.03 -21.07
C ASP B 277 11.99 5.70 -21.79
N TYR B 278 13.00 5.57 -22.68
CA TYR B 278 13.19 4.27 -23.34
C TYR B 278 14.58 4.23 -23.92
N LYS B 279 15.06 3.01 -24.18
CA LYS B 279 16.41 2.84 -24.71
C LYS B 279 16.48 1.47 -25.38
N ASP B 280 17.21 1.40 -26.50
CA ASP B 280 17.48 0.11 -27.16
C ASP B 280 16.20 -0.62 -27.59
N CYS B 281 15.18 0.12 -28.06
CA CYS B 281 13.90 -0.49 -28.45
C CYS B 281 13.22 0.43 -29.46
N PRO B 282 12.30 -0.11 -30.29
CA PRO B 282 11.96 -1.52 -30.43
C PRO B 282 12.87 -2.10 -31.52
#